data_5Y59
#
_entry.id   5Y59
#
_cell.length_a   79.472
_cell.length_b   79.472
_cell.length_c   82.926
_cell.angle_alpha   90.000
_cell.angle_beta   90.000
_cell.angle_gamma   120.000
#
_symmetry.space_group_name_H-M   'P 31 2 1'
#
loop_
_entity.id
_entity.type
_entity.pdbx_description
1 polymer 'ATP-dependent DNA helicase II subunit 2'
2 polymer Sir4p
3 non-polymer 'SULFATE ION'
4 water water
#
loop_
_entity_poly.entity_id
_entity_poly.type
_entity_poly.pdbx_seq_one_letter_code
_entity_poly.pdbx_strand_id
1 'polypeptide(L)'
;SSESTTFIVDVSPSMMKNNNVSKSMAYLEYTLLNKSKKSRKTDWISCYLANCPVSENSQEIPNVFQIQSFLAPVTTTATI
GFIKRLKQYCDQHSHDSSNEGLQSMIQCLLVVSLDIKQQFQARKILKQIVVFTDNLDDLDITDEEIDLLTEELSTRIILI
DCGKDTQEERKKSNWLKLVEAIPNSRIYNMNELLVEITS
;
B
2 'polypeptide(L)' NSKLLSLLRSKT C
#
loop_
_chem_comp.id
_chem_comp.type
_chem_comp.name
_chem_comp.formula
SO4 non-polymer 'SULFATE ION' 'O4 S -2'
#
# COMPACT_ATOMS: atom_id res chain seq x y z
N SER A 1 -12.17 -9.26 15.43
CA SER A 1 -12.69 -8.12 14.68
C SER A 1 -11.59 -7.17 14.21
N SER A 2 -10.78 -6.69 15.16
CA SER A 2 -9.77 -5.65 14.90
C SER A 2 -8.88 -5.94 13.69
N GLU A 3 -8.69 -4.90 12.88
CA GLU A 3 -7.89 -5.06 11.71
C GLU A 3 -7.05 -3.85 11.35
N SER A 4 -5.91 -4.11 10.76
CA SER A 4 -5.04 -3.05 10.29
C SER A 4 -4.85 -3.20 8.80
N THR A 5 -5.27 -2.20 8.05
CA THR A 5 -5.00 -2.15 6.63
C THR A 5 -3.98 -1.03 6.32
N THR A 6 -2.89 -1.39 5.67
CA THR A 6 -1.91 -0.45 5.12
C THR A 6 -2.14 -0.45 3.64
N PHE A 7 -2.41 0.73 3.06
CA PHE A 7 -2.53 0.87 1.60
C PHE A 7 -1.23 1.28 0.96
N ILE A 8 -0.84 0.61 -0.12
CA ILE A 8 0.28 1.02 -0.92
C ILE A 8 -0.28 1.41 -2.27
N VAL A 9 -0.08 2.66 -2.67
CA VAL A 9 -0.50 3.11 -4.00
C VAL A 9 0.71 3.42 -4.90
N ASP A 10 0.80 2.68 -6.00
CA ASP A 10 1.79 2.88 -7.05
C ASP A 10 1.48 4.20 -7.76
N VAL A 11 2.41 5.16 -7.74
CA VAL A 11 2.12 6.42 -8.44
C VAL A 11 3.01 6.70 -9.67
N SER A 12 3.47 5.62 -10.30
CA SER A 12 4.16 5.67 -11.60
C SER A 12 3.36 6.36 -12.71
N PRO A 13 4.06 6.90 -13.74
CA PRO A 13 3.35 7.56 -14.83
C PRO A 13 2.22 6.77 -15.46
N SER A 14 2.32 5.46 -15.60
CA SER A 14 1.19 4.74 -16.16
C SER A 14 0.01 4.72 -15.17
N MET A 15 0.32 4.63 -13.87
CA MET A 15 -0.74 4.68 -12.86
C MET A 15 -1.38 6.06 -12.86
N MET A 16 -0.56 7.10 -13.01
CA MET A 16 -1.08 8.46 -12.99
C MET A 16 -1.71 8.90 -14.31
N LYS A 17 -1.40 8.22 -15.41
CA LYS A 17 -1.93 8.68 -16.70
C LYS A 17 -3.25 7.99 -17.06
N ASN A 18 -3.44 6.76 -16.60
CA ASN A 18 -4.63 6.01 -16.97
C ASN A 18 -5.73 6.07 -15.90
N ASN A 19 -5.65 7.08 -15.04
CA ASN A 19 -6.60 7.28 -13.94
C ASN A 19 -6.65 6.15 -12.88
N ASN A 20 -5.64 5.30 -12.84
CA ASN A 20 -5.61 4.27 -11.81
C ASN A 20 -5.41 4.82 -10.39
N VAL A 21 -4.67 5.91 -10.23
CA VAL A 21 -4.56 6.53 -8.93
C VAL A 21 -5.93 7.16 -8.53
N SER A 22 -6.50 7.97 -9.42
CA SER A 22 -7.87 8.46 -9.28
C SER A 22 -8.91 7.41 -8.86
N LYS A 23 -8.99 6.32 -9.63
CA LYS A 23 -9.84 5.20 -9.32
C LYS A 23 -9.54 4.63 -7.93
N SER A 24 -8.25 4.47 -7.60
CA SER A 24 -7.88 3.91 -6.31
C SER A 24 -8.39 4.79 -5.16
N MET A 25 -8.21 6.09 -5.29
CA MET A 25 -8.66 7.07 -4.33
C MET A 25 -10.15 7.02 -4.15
N ALA A 26 -10.87 7.02 -5.24
CA ALA A 26 -12.33 6.94 -5.22
C ALA A 26 -12.79 5.71 -4.42
N TYR A 27 -12.09 4.60 -4.64
CA TYR A 27 -12.40 3.31 -4.04
C TYR A 27 -12.09 3.32 -2.53
N LEU A 28 -10.92 3.85 -2.18
CA LEU A 28 -10.54 4.05 -0.80
C LEU A 28 -11.60 4.92 -0.08
N GLU A 29 -12.02 6.00 -0.73
CA GLU A 29 -13.03 6.84 -0.13
C GLU A 29 -14.36 6.07 0.11
N TYR A 30 -14.85 5.38 -0.91
CA TYR A 30 -16.07 4.64 -0.75
C TYR A 30 -15.96 3.66 0.43
N THR A 31 -14.96 2.81 0.35
CA THR A 31 -14.64 1.80 1.35
C THR A 31 -14.51 2.36 2.80
N LEU A 32 -13.66 3.36 3.00
CA LEU A 32 -13.45 3.89 4.33
C LEU A 32 -14.71 4.55 4.88
N LEU A 33 -15.41 5.32 4.04
CA LEU A 33 -16.67 5.92 4.48
C LEU A 33 -17.73 4.89 4.76
N ASN A 34 -17.56 3.70 4.21
CA ASN A 34 -18.57 2.67 4.37
C ASN A 34 -18.30 1.71 5.53
N LYS A 35 -17.31 1.97 6.33
CA LYS A 35 -17.02 1.13 7.44
C LYS A 35 -18.10 1.24 8.49
N SER A 36 -18.38 0.18 9.18
CA SER A 36 -19.34 0.27 10.25
C SER A 36 -18.77 1.10 11.37
N LYS A 37 -19.67 1.62 12.19
CA LYS A 37 -19.25 2.39 13.38
C LYS A 37 -18.41 1.57 14.38
N LYS A 38 -18.77 0.32 14.61
CA LYS A 38 -18.02 -0.55 15.50
C LYS A 38 -16.60 -0.67 14.98
N SER A 39 -16.52 -0.84 13.67
CA SER A 39 -15.30 -1.03 12.95
C SER A 39 -14.38 0.14 12.95
N ARG A 40 -14.91 1.33 12.96
CA ARG A 40 -14.09 2.49 12.94
C ARG A 40 -13.39 2.64 14.24
N LYS A 41 -14.01 2.13 15.27
CA LYS A 41 -13.49 2.26 16.63
C LYS A 41 -12.49 1.17 16.99
N THR A 42 -12.37 0.14 16.15
CA THR A 42 -11.37 -0.90 16.38
C THR A 42 -10.23 -0.96 15.35
N ASP A 43 -10.43 -0.47 14.13
CA ASP A 43 -9.42 -0.60 13.09
C ASP A 43 -8.40 0.50 12.86
N TRP A 44 -7.41 0.17 12.07
CA TRP A 44 -6.36 1.12 11.71
C TRP A 44 -6.20 1.29 10.21
N ILE A 45 -5.78 2.48 9.78
CA ILE A 45 -5.33 2.61 8.40
C ILE A 45 -4.01 3.37 8.28
N SER A 46 -3.34 3.15 7.16
CA SER A 46 -2.14 3.89 6.80
C SER A 46 -1.96 3.83 5.30
N CYS A 47 -1.20 4.76 4.73
CA CYS A 47 -1.04 4.75 3.30
C CYS A 47 0.38 5.12 2.89
N TYR A 48 0.93 4.36 1.95
CA TYR A 48 2.26 4.64 1.40
C TYR A 48 2.17 4.75 -0.13
N LEU A 49 2.96 5.67 -0.70
CA LEU A 49 3.05 5.78 -2.14
C LEU A 49 4.37 5.16 -2.61
N ALA A 50 4.31 4.26 -3.58
CA ALA A 50 5.53 3.66 -4.14
C ALA A 50 5.83 4.29 -5.50
N ASN A 51 7.07 4.17 -5.95
CA ASN A 51 7.51 4.75 -7.22
C ASN A 51 7.24 6.25 -7.19
N CYS A 52 7.64 6.87 -6.09
CA CYS A 52 7.21 8.21 -5.78
C CYS A 52 8.39 9.19 -5.73
N PRO A 53 8.23 10.41 -6.27
CA PRO A 53 9.36 11.36 -6.27
C PRO A 53 9.63 11.92 -4.88
N VAL A 54 8.65 11.78 -3.99
CA VAL A 54 8.75 12.27 -2.63
C VAL A 54 9.33 11.16 -1.78
N SER A 55 10.46 11.44 -1.13
CA SER A 55 11.04 10.50 -0.18
C SER A 55 10.93 10.91 1.29
N GLU A 56 9.91 10.39 1.98
CA GLU A 56 9.70 10.63 3.40
C GLU A 56 9.09 9.43 4.09
N ASN A 57 9.86 8.80 4.96
CA ASN A 57 9.41 7.62 5.66
C ASN A 57 10.33 7.36 6.84
N SER A 58 9.96 6.38 7.66
CA SER A 58 10.68 6.15 8.90
C SER A 58 12.14 5.79 8.61
N GLN A 59 12.38 4.97 7.59
CA GLN A 59 13.74 4.50 7.28
C GLN A 59 14.53 5.42 6.36
N GLU A 60 13.97 6.57 6.01
CA GLU A 60 14.58 7.52 5.08
C GLU A 60 15.12 6.89 3.79
N ILE A 61 14.35 5.92 3.30
CA ILE A 61 14.52 5.29 1.99
C ILE A 61 14.13 6.24 0.83
N PRO A 62 14.92 6.23 -0.26
CA PRO A 62 14.47 6.97 -1.44
C PRO A 62 13.11 6.51 -1.99
N ASN A 63 12.30 7.46 -2.44
CA ASN A 63 11.15 7.18 -3.28
C ASN A 63 10.00 6.38 -2.66
N VAL A 64 9.91 6.43 -1.33
CA VAL A 64 8.78 5.88 -0.63
C VAL A 64 8.23 7.00 0.23
N PHE A 65 6.92 7.21 0.14
CA PHE A 65 6.27 8.32 0.81
C PHE A 65 5.13 7.84 1.73
N GLN A 66 5.35 7.84 3.04
CA GLN A 66 4.28 7.55 3.97
C GLN A 66 3.40 8.79 4.07
N ILE A 67 2.43 8.86 3.18
CA ILE A 67 1.55 10.03 3.08
C ILE A 67 0.49 9.97 4.19
N GLN A 68 0.28 8.80 4.80
CA GLN A 68 -0.62 8.70 5.93
C GLN A 68 -0.08 7.78 7.02
N SER A 69 0.22 8.37 8.18
CA SER A 69 0.70 7.59 9.30
C SER A 69 -0.43 6.75 9.84
N PHE A 70 -0.09 5.72 10.63
CA PHE A 70 -1.05 4.80 11.20
C PHE A 70 -2.11 5.60 11.94
N LEU A 71 -3.36 5.30 11.66
CA LEU A 71 -4.45 6.18 12.03
C LEU A 71 -5.55 5.35 12.64
N ALA A 72 -6.00 5.78 13.82
CA ALA A 72 -7.10 5.19 14.57
C ALA A 72 -7.51 6.18 15.65
N PRO A 73 -8.81 6.39 15.85
CA PRO A 73 -9.90 5.69 15.17
C PRO A 73 -10.07 6.07 13.70
N VAL A 74 -10.70 5.22 12.88
CA VAL A 74 -10.93 5.57 11.50
C VAL A 74 -12.32 6.19 11.50
N THR A 75 -12.34 7.48 11.80
CA THR A 75 -13.58 8.26 11.86
C THR A 75 -13.79 8.85 10.46
N THR A 76 -15.00 9.36 10.24
CA THR A 76 -15.36 10.08 9.03
C THR A 76 -14.45 11.29 8.82
N THR A 77 -14.24 12.04 9.90
CA THR A 77 -13.31 13.17 9.85
C THR A 77 -11.92 12.72 9.44
N ALA A 78 -11.44 11.63 10.04
CA ALA A 78 -10.11 11.15 9.72
C ALA A 78 -10.05 10.73 8.25
N THR A 79 -11.13 10.09 7.76
CA THR A 79 -11.19 9.57 6.40
C THR A 79 -11.16 10.71 5.39
N ILE A 80 -12.02 11.70 5.60
CA ILE A 80 -12.10 12.84 4.72
C ILE A 80 -10.72 13.51 4.61
N GLY A 81 -10.03 13.64 5.75
CA GLY A 81 -8.69 14.20 5.79
C GLY A 81 -7.66 13.40 5.01
N PHE A 82 -7.61 12.09 5.25
CA PHE A 82 -6.76 11.18 4.47
C PHE A 82 -7.00 11.29 2.95
N ILE A 83 -8.26 11.30 2.53
CA ILE A 83 -8.57 11.38 1.12
C ILE A 83 -8.14 12.73 0.55
N LYS A 84 -8.19 13.77 1.36
CA LYS A 84 -7.73 15.07 0.95
C LYS A 84 -6.25 15.04 0.77
N ARG A 85 -5.55 14.35 1.62
CA ARG A 85 -4.10 14.32 1.46
C ARG A 85 -3.73 13.66 0.12
N LEU A 86 -4.46 12.59 -0.24
CA LEU A 86 -4.20 11.91 -1.50
C LEU A 86 -4.54 12.82 -2.67
N LYS A 87 -5.61 13.59 -2.51
CA LYS A 87 -6.06 14.56 -3.51
C LYS A 87 -5.06 15.67 -3.75
N GLN A 88 -4.52 16.27 -2.69
CA GLN A 88 -3.44 17.22 -2.86
C GLN A 88 -2.31 16.62 -3.69
N TYR A 89 -1.88 15.40 -3.34
CA TYR A 89 -0.75 14.78 -3.99
C TYR A 89 -1.02 14.71 -5.50
N CYS A 90 -2.22 14.28 -5.89
CA CYS A 90 -2.56 14.20 -7.29
C CYS A 90 -2.56 15.56 -7.98
N ASP A 91 -3.32 16.51 -7.43
CA ASP A 91 -3.36 17.86 -7.94
C ASP A 91 -1.94 18.40 -8.10
N GLN A 92 -1.13 18.23 -7.05
CA GLN A 92 0.24 18.71 -7.04
C GLN A 92 1.16 17.97 -8.01
N HIS A 93 0.77 16.77 -8.46
CA HIS A 93 1.68 15.96 -9.29
C HIS A 93 1.05 15.44 -10.56
N SER A 94 -0.09 16.01 -10.92
CA SER A 94 -0.74 15.68 -12.18
C SER A 94 0.04 16.20 -13.40
N HIS A 95 1.03 17.06 -13.17
CA HIS A 95 1.77 17.63 -14.29
C HIS A 95 3.18 17.02 -14.29
N ASP A 96 3.26 15.73 -13.96
CA ASP A 96 4.47 14.89 -14.15
C ASP A 96 5.77 15.31 -13.46
N SER A 97 5.75 15.42 -12.15
CA SER A 97 6.95 15.91 -11.44
C SER A 97 8.02 14.84 -11.13
N SER A 98 8.76 14.39 -12.16
CA SER A 98 9.95 13.53 -12.00
C SER A 98 9.70 12.11 -11.42
N ASN A 99 8.61 11.48 -11.84
CA ASN A 99 8.32 10.09 -11.45
C ASN A 99 8.65 9.09 -12.57
N GLU A 100 9.21 9.57 -13.67
CA GLU A 100 9.61 8.66 -14.73
C GLU A 100 10.78 7.79 -14.30
N GLY A 101 10.61 6.49 -14.51
CA GLY A 101 11.70 5.54 -14.40
C GLY A 101 11.99 5.09 -12.98
N LEU A 102 11.05 5.34 -12.08
CA LEU A 102 11.20 4.95 -10.69
C LEU A 102 10.74 3.50 -10.39
N GLN A 103 11.59 2.78 -9.67
CA GLN A 103 11.24 1.48 -9.12
C GLN A 103 11.55 1.33 -7.65
N SER A 104 10.60 1.64 -6.78
CA SER A 104 10.83 1.43 -5.35
C SER A 104 9.79 0.57 -4.66
N MET A 105 9.15 -0.33 -5.41
CA MET A 105 8.06 -1.11 -4.85
C MET A 105 8.54 -2.03 -3.72
N ILE A 106 9.63 -2.76 -3.94
CA ILE A 106 10.14 -3.67 -2.93
C ILE A 106 10.61 -2.91 -1.68
N GLN A 107 11.22 -1.75 -1.89
CA GLN A 107 11.68 -0.93 -0.77
C GLN A 107 10.46 -0.43 0.02
N CYS A 108 9.41 -0.04 -0.70
CA CYS A 108 8.18 0.40 -0.07
C CYS A 108 7.60 -0.71 0.75
N LEU A 109 7.45 -1.88 0.13
CA LEU A 109 6.98 -3.09 0.82
C LEU A 109 7.75 -3.40 2.11
N LEU A 110 9.07 -3.23 2.08
CA LEU A 110 9.92 -3.51 3.23
C LEU A 110 9.81 -2.47 4.33
N VAL A 111 9.75 -1.19 3.95
CA VAL A 111 9.46 -0.11 4.90
C VAL A 111 8.13 -0.37 5.62
N VAL A 112 7.10 -0.75 4.87
CA VAL A 112 5.79 -1.00 5.43
C VAL A 112 5.86 -2.17 6.40
N SER A 113 6.57 -3.22 6.02
CA SER A 113 6.70 -4.39 6.88
C SER A 113 7.40 -4.01 8.19
N LEU A 114 8.37 -3.10 8.10
CA LEU A 114 9.09 -2.68 9.29
C LEU A 114 8.25 -1.71 10.11
N ASP A 115 7.63 -0.74 9.45
CA ASP A 115 6.69 0.15 10.14
C ASP A 115 5.57 -0.64 10.84
N ILE A 116 4.99 -1.61 10.15
CA ILE A 116 3.94 -2.39 10.73
C ILE A 116 4.41 -3.10 11.96
N LYS A 117 5.45 -3.89 11.78
CA LYS A 117 6.00 -4.71 12.86
C LYS A 117 6.33 -3.86 14.08
N GLN A 118 6.90 -2.67 13.87
CA GLN A 118 7.13 -1.75 14.98
C GLN A 118 5.80 -1.33 15.60
N GLN A 119 4.87 -0.90 14.75
CA GLN A 119 3.60 -0.34 15.18
C GLN A 119 2.81 -1.20 16.15
N PHE A 120 2.59 -2.44 15.74
CA PHE A 120 1.71 -3.37 16.41
C PHE A 120 2.28 -4.29 17.47
N GLN A 121 3.51 -4.69 17.28
CA GLN A 121 4.30 -5.42 18.27
C GLN A 121 3.44 -6.64 18.54
N ALA A 122 3.37 -7.02 19.82
CA ALA A 122 2.65 -8.21 20.23
C ALA A 122 1.19 -7.92 20.46
N ARG A 123 0.46 -7.63 19.40
CA ARG A 123 -0.93 -7.35 19.52
C ARG A 123 -1.68 -8.36 18.71
N LYS A 124 -2.85 -8.80 19.15
CA LYS A 124 -3.73 -9.67 18.38
C LYS A 124 -4.61 -8.82 17.45
N ILE A 125 -4.07 -8.54 16.26
CA ILE A 125 -4.75 -7.75 15.27
C ILE A 125 -4.53 -8.33 13.88
N LEU A 126 -5.60 -8.49 13.12
CA LEU A 126 -5.45 -8.82 11.72
C LEU A 126 -4.66 -7.69 11.03
N LYS A 127 -3.60 -8.03 10.34
CA LYS A 127 -2.78 -7.06 9.65
C LYS A 127 -2.96 -7.31 8.18
N GLN A 128 -3.01 -6.27 7.38
CA GLN A 128 -3.23 -6.41 5.96
C GLN A 128 -2.55 -5.32 5.20
N ILE A 129 -2.17 -5.61 3.99
CA ILE A 129 -1.53 -4.67 3.10
C ILE A 129 -2.25 -4.74 1.78
N VAL A 130 -2.83 -3.63 1.34
CA VAL A 130 -3.54 -3.62 0.07
C VAL A 130 -2.75 -2.82 -0.95
N VAL A 131 -2.47 -3.42 -2.10
CA VAL A 131 -1.54 -2.83 -3.04
C VAL A 131 -2.22 -2.50 -4.35
N PHE A 132 -2.15 -1.23 -4.77
CA PHE A 132 -2.72 -0.80 -6.04
C PHE A 132 -1.62 -0.53 -7.05
N THR A 133 -1.51 -1.39 -8.06
CA THR A 133 -0.49 -1.23 -9.09
C THR A 133 -0.89 -1.95 -10.38
N ASP A 134 -0.27 -1.54 -11.49
CA ASP A 134 -0.56 -2.13 -12.79
C ASP A 134 0.64 -2.88 -13.33
N ASN A 135 1.68 -3.02 -12.51
CA ASN A 135 2.89 -3.72 -12.90
C ASN A 135 3.28 -4.82 -11.92
N LEU A 136 2.95 -6.05 -12.28
CA LEU A 136 3.25 -7.18 -11.44
C LEU A 136 4.63 -7.74 -11.72
N ASP A 137 5.27 -7.18 -12.72
CA ASP A 137 6.60 -7.63 -13.12
C ASP A 137 7.69 -6.78 -12.48
N ASP A 138 7.30 -5.60 -11.98
CA ASP A 138 8.25 -4.70 -11.34
C ASP A 138 8.38 -4.99 -9.85
N LEU A 139 8.92 -6.12 -9.45
CA LEU A 139 9.09 -6.35 -8.04
C LEU A 139 10.41 -7.07 -7.86
N ASP A 140 11.47 -6.27 -7.70
CA ASP A 140 12.87 -6.67 -7.65
C ASP A 140 12.92 -7.47 -6.34
N ILE A 141 12.79 -8.77 -6.48
CA ILE A 141 12.83 -9.63 -5.34
C ILE A 141 13.11 -11.08 -5.76
N GLU A 144 14.50 -16.39 -4.49
CA GLU A 144 15.04 -16.75 -3.19
C GLU A 144 14.57 -15.72 -2.18
N GLU A 145 14.75 -14.44 -2.49
CA GLU A 145 14.37 -13.37 -1.56
C GLU A 145 12.95 -13.53 -1.05
N ILE A 146 12.07 -13.84 -1.97
CA ILE A 146 10.68 -14.06 -1.61
C ILE A 146 10.57 -14.94 -0.36
N ASP A 147 11.39 -15.97 -0.30
CA ASP A 147 11.30 -16.94 0.79
C ASP A 147 11.62 -16.32 2.16
N LEU A 148 12.48 -15.31 2.17
CA LEU A 148 12.79 -14.59 3.40
C LEU A 148 11.54 -13.83 3.85
N LEU A 149 10.79 -13.32 2.89
CA LEU A 149 9.62 -12.63 3.31
C LEU A 149 8.63 -13.66 3.82
N THR A 150 8.54 -14.76 3.12
CA THR A 150 7.54 -15.78 3.46
C THR A 150 7.70 -16.21 4.91
N GLU A 151 8.88 -15.96 5.46
CA GLU A 151 9.14 -16.32 6.85
C GLU A 151 8.91 -15.11 7.76
N GLU A 152 9.22 -13.93 7.27
CA GLU A 152 9.16 -12.72 8.09
C GLU A 152 7.77 -12.06 8.13
N LEU A 153 7.16 -11.86 6.96
CA LEU A 153 5.88 -11.16 6.87
C LEU A 153 4.71 -11.96 7.43
N SER A 154 4.15 -11.52 8.56
CA SER A 154 2.93 -12.12 9.08
C SER A 154 1.72 -11.29 8.62
N THR A 155 1.95 -10.45 7.61
CA THR A 155 0.89 -9.65 7.01
C THR A 155 0.51 -10.19 5.63
N ARG A 156 -0.77 -10.51 5.46
CA ARG A 156 -1.30 -10.97 4.19
C ARG A 156 -1.30 -9.86 3.19
N ILE A 157 -1.29 -10.17 1.91
CA ILE A 157 -1.16 -9.14 0.91
C ILE A 157 -2.29 -9.24 -0.08
N ILE A 158 -3.04 -8.16 -0.24
CA ILE A 158 -4.08 -8.11 -1.27
C ILE A 158 -3.64 -7.25 -2.44
N LEU A 159 -3.36 -7.87 -3.54
CA LEU A 159 -2.89 -7.15 -4.68
C LEU A 159 -3.99 -6.77 -5.59
N ILE A 160 -3.97 -5.53 -6.02
CA ILE A 160 -4.98 -5.06 -6.91
C ILE A 160 -4.31 -4.63 -8.18
N ASP A 161 -4.59 -5.39 -9.22
CA ASP A 161 -4.04 -5.19 -10.53
C ASP A 161 -4.86 -4.21 -11.32
N CYS A 162 -4.26 -3.07 -11.61
CA CYS A 162 -4.95 -2.03 -12.36
C CYS A 162 -4.39 -1.92 -13.79
N GLY A 163 -4.30 -3.06 -14.46
CA GLY A 163 -3.79 -3.10 -15.82
C GLY A 163 -4.66 -3.96 -16.74
N LYS A 164 -5.73 -3.36 -17.24
CA LYS A 164 -6.65 -4.06 -18.14
C LYS A 164 -6.98 -5.45 -17.61
N SER A 173 4.93 -14.42 -12.08
CA SER A 173 5.68 -13.19 -11.91
C SER A 173 6.16 -13.02 -10.48
N ASN A 174 7.02 -12.05 -10.25
CA ASN A 174 7.50 -11.79 -8.91
C ASN A 174 6.35 -11.55 -7.96
N TRP A 175 5.42 -10.68 -8.34
CA TRP A 175 4.25 -10.40 -7.52
C TRP A 175 3.42 -11.65 -7.29
N LEU A 176 3.14 -12.40 -8.34
CA LEU A 176 2.36 -13.63 -8.23
C LEU A 176 3.03 -14.60 -7.26
N LYS A 177 4.34 -14.78 -7.42
CA LYS A 177 5.12 -15.64 -6.55
C LYS A 177 4.97 -15.21 -5.09
N LEU A 178 5.27 -13.94 -4.82
CA LEU A 178 5.15 -13.39 -3.48
C LEU A 178 3.76 -13.63 -2.91
N VAL A 179 2.77 -13.53 -3.76
CA VAL A 179 1.41 -13.71 -3.32
C VAL A 179 1.19 -15.10 -2.81
N GLU A 180 1.49 -16.07 -3.66
CA GLU A 180 1.27 -17.48 -3.32
C GLU A 180 2.11 -17.90 -2.12
N ALA A 181 3.26 -17.24 -1.96
CA ALA A 181 4.12 -17.44 -0.80
C ALA A 181 3.42 -17.03 0.51
N ILE A 182 3.05 -15.76 0.65
CA ILE A 182 2.35 -15.32 1.87
C ILE A 182 0.94 -15.90 1.92
N PRO A 183 0.55 -16.46 3.08
CA PRO A 183 -0.79 -17.03 3.29
C PRO A 183 -1.91 -15.98 3.27
N ASN A 184 -3.09 -16.41 2.83
CA ASN A 184 -4.29 -15.57 2.76
C ASN A 184 -4.19 -14.43 1.77
N SER A 185 -3.18 -14.47 0.91
CA SER A 185 -3.01 -13.41 -0.06
C SER A 185 -3.88 -13.66 -1.28
N ARG A 186 -4.10 -12.63 -2.09
CA ARG A 186 -5.03 -12.75 -3.20
C ARG A 186 -4.71 -11.67 -4.21
N ILE A 187 -5.29 -11.78 -5.40
CA ILE A 187 -5.11 -10.78 -6.44
C ILE A 187 -6.45 -10.49 -7.08
N TYR A 188 -6.83 -9.21 -7.18
CA TYR A 188 -8.04 -8.84 -7.86
C TYR A 188 -7.79 -7.89 -8.99
N ASN A 189 -8.74 -7.84 -9.91
CA ASN A 189 -8.74 -6.85 -10.96
C ASN A 189 -9.43 -5.58 -10.45
N MET A 190 -9.26 -4.46 -11.09
CA MET A 190 -10.00 -3.32 -10.64
C MET A 190 -11.41 -3.60 -11.07
N ASN A 191 -11.52 -4.23 -12.23
CA ASN A 191 -12.81 -4.56 -12.80
C ASN A 191 -13.72 -5.39 -11.92
N GLU A 192 -13.20 -5.95 -10.84
CA GLU A 192 -14.02 -6.72 -9.97
C GLU A 192 -14.06 -6.33 -8.53
N LEU A 193 -13.88 -5.03 -8.29
CA LEU A 193 -13.87 -4.48 -6.96
C LEU A 193 -15.25 -4.10 -6.53
N LEU A 194 -15.99 -3.58 -7.47
CA LEU A 194 -17.32 -3.16 -7.20
C LEU A 194 -18.07 -3.69 -8.36
N VAL A 195 -19.39 -3.71 -8.28
CA VAL A 195 -20.16 -4.17 -9.38
C VAL A 195 -20.68 -3.01 -10.20
N GLU A 196 -20.33 -2.96 -11.48
CA GLU A 196 -20.84 -1.90 -12.32
C GLU A 196 -22.27 -2.28 -12.59
N ILE A 197 -23.15 -1.29 -12.68
CA ILE A 197 -24.53 -1.58 -12.95
C ILE A 197 -25.02 -1.46 -14.38
N THR A 198 -25.33 -2.63 -14.92
CA THR A 198 -25.80 -2.80 -16.27
C THR A 198 -26.51 -4.13 -16.24
N ASN B 1 12.86 -8.31 12.63
CA ASN B 1 13.36 -6.94 12.64
C ASN B 1 14.68 -6.81 11.90
N SER B 2 15.67 -7.56 12.36
CA SER B 2 17.04 -7.48 11.87
C SER B 2 17.17 -7.93 10.41
N LYS B 3 16.60 -9.10 10.09
CA LYS B 3 16.63 -9.63 8.73
C LYS B 3 16.03 -8.65 7.70
N LEU B 4 14.81 -8.18 7.99
CA LEU B 4 14.14 -7.19 7.15
C LEU B 4 15.00 -5.97 6.88
N LEU B 5 15.62 -5.45 7.94
CA LEU B 5 16.41 -4.22 7.86
C LEU B 5 17.66 -4.36 6.97
N SER B 6 18.31 -5.52 7.02
CA SER B 6 19.51 -5.73 6.18
C SER B 6 19.11 -5.99 4.73
N LEU B 7 18.00 -6.68 4.57
CA LEU B 7 17.41 -6.93 3.26
C LEU B 7 17.00 -5.63 2.55
N LEU B 8 16.64 -4.60 3.33
CA LEU B 8 16.28 -3.30 2.78
C LEU B 8 17.53 -2.44 2.47
N ARG B 9 18.54 -2.54 3.33
CA ARG B 9 19.82 -1.86 3.11
C ARG B 9 20.50 -2.44 1.87
N SER B 10 20.34 -3.74 1.70
CA SER B 10 20.74 -4.44 0.49
C SER B 10 20.16 -3.78 -0.75
N LYS B 11 18.89 -3.41 -0.68
CA LYS B 11 18.22 -2.80 -1.82
C LYS B 11 18.46 -1.32 -1.98
N THR B 12 19.13 -0.69 -1.02
CA THR B 12 19.48 0.73 -1.17
C THR B 12 20.98 0.91 -1.33
S SO4 C . -17.83 8.86 12.80
O1 SO4 C . -17.08 9.47 13.90
O2 SO4 C . -16.87 8.36 11.82
O3 SO4 C . -18.63 7.73 13.30
O4 SO4 C . -18.72 9.83 12.16
#